data_7IAD
#
_entry.id   7IAD
#
_cell.length_a   42.435
_cell.length_b   42.435
_cell.length_c   217.138
_cell.angle_alpha   90.000
_cell.angle_beta   90.000
_cell.angle_gamma   90.000
#
_symmetry.space_group_name_H-M   'P 43 2 2'
#
loop_
_entity.id
_entity.type
_entity.pdbx_description
1 polymer 'Serine protease subunit NS2B'
2 polymer 'Serine protease NS3'
3 non-polymer 'DIMETHYL SULFOXIDE'
4 non-polymer 5-chloro-N-(2,3-dihydro-1H-isoindol-5-yl)-2-methyl-1H-1,3-benzimidazole-7-carboxamide
5 water water
#
loop_
_entity_poly.entity_id
_entity_poly.type
_entity_poly.pdbx_seq_one_letter_code
_entity_poly.pdbx_strand_id
1 'polypeptide(L)' SMGKSVDMYIERAGDITWEKDAEVTGNSPRLDVALDESGDFSLVEE A
2 'polypeptide(L)'
;MKEVKKGETTDGVYRVMTRRLLGSTQVGVGVMQEGVFHTMWHVTKGAALRSGEGRLDPYWGDVKQDLVSYCGPWKLDAAW
DGLSEVQLLAVPPGERAKNIQTLPGIFKTKDGDIGAVALDYPAGTSGSPILDKCGRVIGLYGNGVVIKNGSYVSAITQGK
REEETPVE
;
B
#
loop_
_chem_comp.id
_chem_comp.type
_chem_comp.name
_chem_comp.formula
A1B9I non-polymer 5-chloro-N-(2,3-dihydro-1H-isoindol-5-yl)-2-methyl-1H-1,3-benzimidazole-7-carboxamide 'C17 H15 Cl N4 O'
DMS non-polymer 'DIMETHYL SULFOXIDE' 'C2 H6 O S'
#
# COMPACT_ATOMS: atom_id res chain seq x y z
N ASP A 7 -6.72 7.51 -19.00
CA ASP A 7 -6.87 6.08 -18.75
C ASP A 7 -5.65 5.47 -18.07
N MET A 8 -5.88 4.88 -16.90
CA MET A 8 -4.83 4.25 -16.10
C MET A 8 -4.59 2.81 -16.54
N TYR A 9 -3.33 2.34 -16.40
CA TYR A 9 -2.92 0.98 -16.76
C TYR A 9 -1.97 0.36 -15.75
N ILE A 10 -1.92 -0.99 -15.68
CA ILE A 10 -1.03 -1.66 -14.74
C ILE A 10 0.10 -2.43 -15.44
N GLU A 11 1.30 -2.46 -14.79
CA GLU A 11 2.50 -3.12 -15.31
C GLU A 11 3.12 -3.96 -14.20
N ARG A 12 3.48 -5.23 -14.48
CA ARG A 12 4.07 -6.07 -13.44
C ARG A 12 5.39 -5.52 -12.93
N ALA A 13 5.56 -5.46 -11.59
CA ALA A 13 6.78 -4.97 -10.96
C ALA A 13 7.56 -6.02 -10.16
N GLY A 14 7.01 -7.23 -9.99
CA GLY A 14 7.72 -8.30 -9.30
C GLY A 14 6.87 -9.31 -8.57
N ASP A 15 7.54 -10.20 -7.82
CA ASP A 15 6.91 -11.20 -6.96
C ASP A 15 6.74 -10.69 -5.54
N ILE A 16 5.76 -11.22 -4.82
CA ILE A 16 5.56 -10.86 -3.43
C ILE A 16 6.17 -11.94 -2.53
N THR A 17 7.45 -11.76 -2.19
N THR A 17 7.46 -11.78 -2.20
CA THR A 17 8.21 -12.69 -1.36
CA THR A 17 8.20 -12.75 -1.39
C THR A 17 9.06 -11.96 -0.33
C THR A 17 9.16 -12.04 -0.40
N TRP A 18 9.27 -12.56 0.83
CA TRP A 18 10.15 -11.99 1.85
C TRP A 18 11.60 -12.29 1.41
N GLU A 19 12.48 -11.28 1.46
CA GLU A 19 13.86 -11.48 1.06
C GLU A 19 14.81 -11.41 2.25
N LYS A 20 15.51 -12.52 2.55
CA LYS A 20 16.46 -12.54 3.67
C LYS A 20 17.65 -11.66 3.30
N ASP A 21 18.22 -10.96 4.28
CA ASP A 21 19.37 -10.06 4.06
C ASP A 21 18.94 -8.80 3.29
N ALA A 22 17.77 -8.26 3.63
CA ALA A 22 17.29 -7.02 3.03
C ALA A 22 17.81 -5.83 3.89
N GLU A 23 17.76 -4.61 3.33
CA GLU A 23 18.20 -3.42 4.05
C GLU A 23 17.24 -3.12 5.21
N VAL A 24 17.74 -3.19 6.46
CA VAL A 24 16.97 -2.96 7.68
C VAL A 24 17.07 -1.50 8.13
N THR A 25 16.03 -0.68 7.92
CA THR A 25 16.05 0.72 8.32
C THR A 25 14.70 1.22 8.83
N GLY A 26 14.67 2.34 9.53
CA GLY A 26 13.42 2.93 10.00
C GLY A 26 13.13 2.76 11.47
N ASN A 27 12.69 3.85 12.10
CA ASN A 27 12.33 3.83 13.51
C ASN A 27 10.85 3.38 13.76
N SER A 28 10.48 3.08 15.03
CA SER A 28 9.12 2.61 15.39
C SER A 28 8.43 3.59 16.36
N PRO A 29 7.79 4.64 15.83
CA PRO A 29 7.19 5.65 16.72
C PRO A 29 5.74 5.43 17.14
N ARG A 30 5.37 5.82 18.36
CA ARG A 30 3.99 5.71 18.84
C ARG A 30 3.34 7.09 18.74
N LEU A 31 2.50 7.29 17.70
CA LEU A 31 1.86 8.57 17.41
C LEU A 31 0.38 8.62 17.77
N ASP A 32 -0.08 9.75 18.33
CA ASP A 32 -1.50 9.93 18.61
C ASP A 32 -2.14 10.54 17.36
N VAL A 33 -2.95 9.74 16.63
CA VAL A 33 -3.54 10.20 15.37
C VAL A 33 -5.10 10.19 15.37
N ALA A 34 -5.69 10.92 14.41
CA ALA A 34 -7.13 11.01 14.19
C ALA A 34 -7.40 10.71 12.72
N LEU A 35 -8.54 10.09 12.42
CA LEU A 35 -8.89 9.76 11.04
C LEU A 35 -10.24 10.39 10.70
N ASP A 36 -10.26 11.30 9.75
CA ASP A 36 -11.49 11.97 9.35
C ASP A 36 -12.29 11.16 8.31
N GLU A 37 -13.55 11.56 8.07
CA GLU A 37 -14.47 10.98 7.11
C GLU A 37 -13.85 10.89 5.69
N SER A 38 -12.87 11.72 5.35
CA SER A 38 -12.22 11.68 4.04
C SER A 38 -11.02 10.72 3.94
N GLY A 39 -10.78 9.92 4.98
CA GLY A 39 -9.67 8.98 5.01
C GLY A 39 -8.31 9.61 5.18
N ASP A 40 -8.26 10.82 5.76
CA ASP A 40 -7.03 11.56 5.99
C ASP A 40 -6.64 11.54 7.47
N PHE A 41 -5.41 11.09 7.76
CA PHE A 41 -4.86 11.05 9.10
C PHE A 41 -4.27 12.42 9.46
N SER A 42 -4.34 12.75 10.73
CA SER A 42 -3.77 13.99 11.23
C SER A 42 -3.26 13.77 12.65
N LEU A 43 -2.22 14.53 13.02
CA LEU A 43 -1.64 14.38 14.34
C LEU A 43 -2.40 15.12 15.42
N VAL A 44 -2.52 14.46 16.56
CA VAL A 44 -3.16 14.99 17.76
C VAL A 44 -2.03 15.08 18.81
N GLU A 45 -1.86 16.24 19.45
CA GLU A 45 -0.81 16.40 20.45
C GLU A 45 -1.33 17.08 21.72
N GLY B 7 -6.53 -8.91 -18.72
CA GLY B 7 -5.32 -9.28 -19.44
C GLY B 7 -4.37 -10.10 -18.57
N GLU B 8 -3.32 -9.45 -18.01
CA GLU B 8 -2.40 -10.18 -17.14
C GLU B 8 -2.95 -10.23 -15.72
N THR B 9 -3.29 -11.43 -15.24
N THR B 9 -3.28 -11.43 -15.26
CA THR B 9 -3.81 -11.58 -13.88
CA THR B 9 -3.83 -11.67 -13.92
C THR B 9 -2.90 -12.46 -13.01
C THR B 9 -2.90 -12.48 -13.03
N THR B 10 -1.59 -12.49 -13.31
CA THR B 10 -0.62 -13.27 -12.52
C THR B 10 -0.44 -12.62 -11.15
N ASP B 11 -0.42 -13.42 -10.07
CA ASP B 11 -0.18 -12.92 -8.71
C ASP B 11 1.16 -12.12 -8.65
N GLY B 12 1.18 -10.99 -7.97
CA GLY B 12 2.38 -10.18 -7.84
C GLY B 12 2.13 -8.71 -7.58
N VAL B 13 3.19 -7.92 -7.44
CA VAL B 13 3.05 -6.48 -7.22
C VAL B 13 3.10 -5.76 -8.59
N TYR B 14 2.24 -4.73 -8.78
CA TYR B 14 2.13 -4.02 -10.06
C TYR B 14 2.20 -2.50 -9.90
N ARG B 15 2.65 -1.81 -10.93
CA ARG B 15 2.72 -0.36 -10.98
C ARG B 15 1.43 0.15 -11.58
N VAL B 16 0.90 1.24 -11.04
CA VAL B 16 -0.30 1.90 -11.54
C VAL B 16 0.17 3.17 -12.25
N MET B 17 0.04 3.19 -13.57
CA MET B 17 0.51 4.29 -14.43
C MET B 17 -0.63 5.08 -15.09
N THR B 18 -0.33 6.27 -15.64
CA THR B 18 -1.29 7.09 -16.40
C THR B 18 -0.58 7.89 -17.52
N ARG B 19 -1.25 8.08 -18.66
CA ARG B 19 -0.69 8.86 -19.77
C ARG B 19 -1.35 10.25 -19.94
N ARG B 20 -2.24 10.64 -19.01
CA ARG B 20 -2.98 11.89 -19.00
C ARG B 20 -2.07 13.11 -18.75
N LEU B 21 -1.02 12.90 -17.95
CA LEU B 21 -0.01 13.92 -17.64
C LEU B 21 1.15 13.85 -18.69
N LEU B 22 2.27 14.55 -18.44
CA LEU B 22 3.43 14.49 -19.32
C LEU B 22 4.03 13.07 -19.26
N GLY B 23 4.41 12.53 -20.41
CA GLY B 23 4.98 11.18 -20.51
C GLY B 23 4.14 10.08 -19.89
N SER B 24 4.81 9.20 -19.13
CA SER B 24 4.17 8.08 -18.42
C SER B 24 4.41 8.28 -16.92
N THR B 25 3.40 8.77 -16.20
CA THR B 25 3.55 9.05 -14.78
C THR B 25 3.02 7.92 -13.87
N GLN B 26 3.85 7.44 -12.91
CA GLN B 26 3.40 6.42 -11.95
C GLN B 26 2.65 7.08 -10.81
N VAL B 27 1.36 6.78 -10.69
CA VAL B 27 0.54 7.36 -9.64
C VAL B 27 0.38 6.46 -8.38
N GLY B 28 0.82 5.21 -8.48
CA GLY B 28 0.69 4.28 -7.38
C GLY B 28 1.12 2.87 -7.72
N VAL B 29 0.80 1.92 -6.83
CA VAL B 29 1.18 0.51 -6.85
C VAL B 29 -0.03 -0.33 -6.34
N GLY B 30 -0.06 -1.61 -6.68
CA GLY B 30 -1.11 -2.51 -6.23
C GLY B 30 -0.67 -3.96 -6.15
N VAL B 31 -1.55 -4.81 -5.61
CA VAL B 31 -1.27 -6.24 -5.43
C VAL B 31 -2.29 -7.07 -6.21
N MET B 32 -1.82 -8.02 -7.00
CA MET B 32 -2.71 -8.92 -7.71
C MET B 32 -2.63 -10.24 -6.92
N GLN B 33 -3.75 -10.67 -6.34
CA GLN B 33 -3.80 -11.91 -5.57
C GLN B 33 -5.16 -12.49 -5.73
N GLU B 34 -5.25 -13.75 -6.16
CA GLU B 34 -6.51 -14.47 -6.38
C GLU B 34 -7.45 -13.81 -7.41
N GLY B 35 -6.88 -13.26 -8.48
CA GLY B 35 -7.64 -12.65 -9.57
C GLY B 35 -8.27 -11.30 -9.26
N VAL B 36 -7.84 -10.68 -8.12
CA VAL B 36 -8.34 -9.40 -7.62
C VAL B 36 -7.18 -8.45 -7.47
N PHE B 37 -7.31 -7.22 -7.98
CA PHE B 37 -6.26 -6.23 -7.87
C PHE B 37 -6.61 -5.31 -6.72
N HIS B 38 -5.72 -5.21 -5.72
CA HIS B 38 -5.95 -4.40 -4.53
C HIS B 38 -5.05 -3.17 -4.58
N THR B 39 -5.60 -1.97 -4.33
CA THR B 39 -4.79 -0.75 -4.31
C THR B 39 -5.41 0.26 -3.31
N MET B 40 -4.84 1.46 -3.20
CA MET B 40 -5.38 2.50 -2.34
C MET B 40 -6.32 3.34 -3.16
N TRP B 41 -7.44 3.76 -2.55
CA TRP B 41 -8.46 4.56 -3.22
CA TRP B 41 -8.46 4.56 -3.22
C TRP B 41 -7.92 5.87 -3.79
N HIS B 42 -6.99 6.54 -3.10
CA HIS B 42 -6.45 7.81 -3.59
C HIS B 42 -5.57 7.68 -4.86
N VAL B 43 -5.19 6.45 -5.23
CA VAL B 43 -4.35 6.19 -6.39
C VAL B 43 -5.18 6.25 -7.68
N THR B 44 -6.28 5.50 -7.71
CA THR B 44 -7.13 5.39 -8.88
C THR B 44 -8.39 6.23 -8.82
N LYS B 45 -8.85 6.60 -7.61
CA LYS B 45 -10.12 7.32 -7.36
C LYS B 45 -11.36 6.50 -7.77
N GLY B 46 -11.22 5.20 -7.88
CA GLY B 46 -12.29 4.31 -8.31
C GLY B 46 -12.43 4.17 -9.80
N ALA B 47 -11.48 4.72 -10.59
CA ALA B 47 -11.52 4.65 -12.04
C ALA B 47 -11.12 3.27 -12.55
N ALA B 48 -11.64 2.87 -13.70
CA ALA B 48 -11.32 1.59 -14.31
C ALA B 48 -9.86 1.56 -14.75
N LEU B 49 -9.21 0.40 -14.57
CA LEU B 49 -7.82 0.21 -14.97
C LEU B 49 -7.72 -0.63 -16.25
N ARG B 50 -6.55 -0.66 -16.87
CA ARG B 50 -6.34 -1.41 -18.09
C ARG B 50 -5.11 -2.31 -17.94
N SER B 51 -5.20 -3.57 -18.35
CA SER B 51 -4.05 -4.48 -18.27
C SER B 51 -3.77 -5.02 -19.67
N GLY B 52 -3.07 -4.21 -20.47
CA GLY B 52 -2.80 -4.56 -21.85
C GLY B 52 -4.06 -4.28 -22.64
N GLU B 53 -4.72 -5.34 -23.13
CA GLU B 53 -5.98 -5.18 -23.84
C GLU B 53 -7.20 -5.39 -22.90
N GLY B 54 -7.01 -6.16 -21.83
CA GLY B 54 -8.06 -6.43 -20.85
C GLY B 54 -8.42 -5.24 -19.99
N ARG B 55 -9.58 -5.26 -19.35
CA ARG B 55 -10.04 -4.15 -18.52
C ARG B 55 -10.33 -4.61 -17.09
N LEU B 56 -10.00 -3.77 -16.11
CA LEU B 56 -10.28 -4.10 -14.72
C LEU B 56 -11.29 -3.08 -14.19
N ASP B 57 -12.47 -3.53 -13.78
CA ASP B 57 -13.49 -2.63 -13.25
C ASP B 57 -13.55 -2.72 -11.73
N PRO B 58 -13.76 -1.59 -11.01
CA PRO B 58 -13.85 -1.66 -9.54
C PRO B 58 -14.97 -2.56 -9.01
N TYR B 59 -14.76 -3.13 -7.82
CA TYR B 59 -15.74 -4.02 -7.22
C TYR B 59 -16.18 -3.53 -5.85
N TRP B 60 -15.22 -3.16 -5.02
CA TRP B 60 -15.47 -2.63 -3.67
C TRP B 60 -14.51 -1.45 -3.46
N GLY B 61 -14.91 -0.49 -2.65
CA GLY B 61 -14.08 0.67 -2.33
C GLY B 61 -14.60 1.42 -1.13
N ASP B 62 -13.73 2.19 -0.47
CA ASP B 62 -14.12 2.97 0.71
C ASP B 62 -13.10 4.08 0.89
N VAL B 63 -13.55 5.33 0.92
CA VAL B 63 -12.70 6.51 1.02
C VAL B 63 -12.08 6.65 2.41
N LYS B 64 -12.81 6.29 3.48
CA LYS B 64 -12.26 6.39 4.83
C LYS B 64 -11.17 5.34 5.05
N GLN B 65 -11.41 4.10 4.62
CA GLN B 65 -10.40 3.05 4.71
C GLN B 65 -9.25 3.29 3.73
N ASP B 66 -9.53 4.01 2.62
CA ASP B 66 -8.62 4.35 1.52
C ASP B 66 -8.19 3.10 0.78
N LEU B 67 -9.11 2.18 0.55
CA LEU B 67 -8.82 0.94 -0.16
C LEU B 67 -9.79 0.71 -1.30
N VAL B 68 -9.40 -0.09 -2.30
CA VAL B 68 -10.28 -0.40 -3.45
C VAL B 68 -9.85 -1.73 -4.08
N SER B 69 -10.81 -2.59 -4.43
CA SER B 69 -10.48 -3.88 -5.09
C SER B 69 -11.10 -3.93 -6.49
N TYR B 70 -10.42 -4.59 -7.42
CA TYR B 70 -10.83 -4.70 -8.81
C TYR B 70 -11.07 -6.16 -9.16
N CYS B 71 -12.13 -6.43 -9.95
CA CYS B 71 -12.50 -7.77 -10.44
C CYS B 71 -13.16 -8.67 -9.40
N GLY B 72 -13.06 -8.32 -8.12
CA GLY B 72 -13.67 -9.11 -7.07
C GLY B 72 -13.50 -8.51 -5.71
N PRO B 73 -13.97 -9.22 -4.68
CA PRO B 73 -13.83 -8.70 -3.32
C PRO B 73 -12.39 -8.73 -2.78
N TRP B 74 -12.11 -7.91 -1.75
CA TRP B 74 -10.82 -7.85 -1.06
C TRP B 74 -10.41 -9.26 -0.57
N LYS B 75 -9.21 -9.73 -0.92
CA LYS B 75 -8.74 -11.07 -0.58
C LYS B 75 -7.65 -11.08 0.51
N LEU B 76 -6.92 -9.96 0.66
CA LEU B 76 -5.82 -9.86 1.60
C LEU B 76 -6.37 -9.76 3.01
N ASP B 77 -5.98 -10.68 3.89
CA ASP B 77 -6.49 -10.69 5.26
C ASP B 77 -5.44 -11.03 6.32
N ALA B 78 -4.15 -11.04 5.96
CA ALA B 78 -3.09 -11.25 6.95
C ALA B 78 -2.97 -10.00 7.83
N ALA B 79 -2.43 -10.17 9.04
CA ALA B 79 -2.29 -9.04 9.95
C ALA B 79 -0.96 -9.02 10.67
N TRP B 80 -0.42 -7.81 10.96
CA TRP B 80 0.81 -7.64 11.72
C TRP B 80 0.58 -8.17 13.11
N ASP B 81 1.48 -9.01 13.60
CA ASP B 81 1.34 -9.62 14.91
C ASP B 81 1.63 -8.70 16.11
N GLY B 82 2.00 -7.46 15.86
CA GLY B 82 2.30 -6.50 16.91
C GLY B 82 3.68 -6.65 17.53
N LEU B 83 4.49 -7.60 17.04
CA LEU B 83 5.82 -7.82 17.58
C LEU B 83 6.93 -7.84 16.54
N SER B 84 6.75 -8.61 15.46
CA SER B 84 7.79 -8.86 14.46
C SER B 84 8.13 -7.70 13.53
N GLU B 85 9.31 -7.79 12.93
CA GLU B 85 9.74 -6.87 11.89
C GLU B 85 8.96 -7.27 10.62
N VAL B 86 8.76 -6.30 9.74
CA VAL B 86 8.03 -6.49 8.49
C VAL B 86 8.88 -6.01 7.30
N GLN B 87 8.44 -6.27 6.07
CA GLN B 87 9.13 -5.80 4.90
C GLN B 87 8.17 -5.00 4.03
N LEU B 88 8.55 -3.79 3.65
CA LEU B 88 7.79 -2.99 2.71
C LEU B 88 8.39 -3.30 1.32
N LEU B 89 7.60 -3.91 0.43
CA LEU B 89 8.08 -4.16 -0.93
C LEU B 89 7.84 -2.84 -1.65
N ALA B 90 8.79 -1.90 -1.52
CA ALA B 90 8.67 -0.57 -2.11
C ALA B 90 8.84 -0.61 -3.62
N VAL B 91 7.90 -0.06 -4.37
CA VAL B 91 8.00 0.00 -5.83
C VAL B 91 8.00 1.50 -6.17
N PRO B 92 9.17 2.17 -6.14
CA PRO B 92 9.18 3.62 -6.38
C PRO B 92 9.10 3.99 -7.85
N PRO B 93 8.58 5.19 -8.19
CA PRO B 93 8.51 5.58 -9.61
C PRO B 93 9.87 5.51 -10.31
N GLY B 94 9.92 4.87 -11.48
CA GLY B 94 11.14 4.72 -12.27
C GLY B 94 12.25 3.85 -11.69
N GLU B 95 12.07 3.37 -10.46
CA GLU B 95 13.07 2.54 -9.80
C GLU B 95 12.54 1.13 -9.60
N ARG B 96 13.45 0.17 -9.49
CA ARG B 96 13.14 -1.25 -9.34
C ARG B 96 12.48 -1.57 -8.00
N ALA B 97 11.59 -2.61 -7.95
CA ALA B 97 10.94 -3.08 -6.71
C ALA B 97 12.03 -3.47 -5.69
N LYS B 98 11.85 -3.11 -4.41
CA LYS B 98 12.89 -3.32 -3.41
C LYS B 98 12.33 -3.57 -1.99
N ASN B 99 12.75 -4.69 -1.33
CA ASN B 99 12.28 -5.03 0.02
C ASN B 99 13.05 -4.30 1.09
N ILE B 100 12.38 -3.48 1.90
CA ILE B 100 13.04 -2.74 2.99
C ILE B 100 12.50 -3.21 4.34
N GLN B 101 13.32 -3.88 5.14
CA GLN B 101 12.90 -4.40 6.44
C GLN B 101 12.86 -3.29 7.52
N THR B 102 11.81 -3.30 8.37
CA THR B 102 11.66 -2.30 9.43
C THR B 102 10.83 -2.86 10.59
N LEU B 103 10.84 -2.20 11.77
CA LEU B 103 9.96 -2.60 12.86
C LEU B 103 8.89 -1.54 12.94
N PRO B 104 7.61 -1.93 12.82
CA PRO B 104 6.56 -0.93 12.82
C PRO B 104 6.28 -0.30 14.17
N GLY B 105 5.92 0.98 14.10
CA GLY B 105 5.46 1.78 15.23
C GLY B 105 3.96 1.60 15.41
N ILE B 106 3.33 2.52 16.12
CA ILE B 106 1.91 2.43 16.43
C ILE B 106 1.19 3.76 16.16
N PHE B 107 -0.03 3.68 15.62
CA PHE B 107 -0.91 4.82 15.43
C PHE B 107 -1.98 4.56 16.47
N LYS B 108 -2.01 5.35 17.55
CA LYS B 108 -3.03 5.16 18.59
C LYS B 108 -4.24 6.02 18.19
N THR B 109 -5.40 5.40 17.90
CA THR B 109 -6.62 6.14 17.51
C THR B 109 -7.74 5.97 18.57
N LYS B 110 -8.87 6.69 18.40
CA LYS B 110 -10.05 6.55 19.30
C LYS B 110 -10.74 5.18 19.09
N ASP B 111 -10.54 4.56 17.93
CA ASP B 111 -11.12 3.27 17.60
C ASP B 111 -10.17 2.10 17.79
N GLY B 112 -8.91 2.35 18.17
CA GLY B 112 -7.93 1.30 18.37
C GLY B 112 -6.57 1.60 17.79
N ASP B 113 -5.59 0.73 18.09
CA ASP B 113 -4.22 0.86 17.61
C ASP B 113 -3.98 0.19 16.24
N ILE B 114 -3.15 0.81 15.40
CA ILE B 114 -2.82 0.33 14.05
C ILE B 114 -1.29 0.33 13.89
N GLY B 115 -0.76 -0.56 13.06
CA GLY B 115 0.66 -0.59 12.77
C GLY B 115 1.05 0.64 11.96
N ALA B 116 2.33 0.99 11.97
CA ALA B 116 2.80 2.13 11.19
C ALA B 116 4.24 1.96 10.74
N VAL B 117 4.52 2.14 9.45
CA VAL B 117 5.89 2.02 8.94
CA VAL B 117 5.87 2.01 8.91
C VAL B 117 6.50 3.40 8.69
N ALA B 118 7.65 3.66 9.33
CA ALA B 118 8.29 4.97 9.20
C ALA B 118 9.39 4.98 8.15
N LEU B 119 8.98 4.89 6.88
CA LEU B 119 9.88 4.90 5.75
C LEU B 119 9.35 5.95 4.78
N ASP B 120 10.19 6.93 4.38
CA ASP B 120 9.74 7.99 3.48
C ASP B 120 9.99 7.60 2.01
N TYR B 121 8.94 7.66 1.20
CA TYR B 121 8.98 7.32 -0.22
C TYR B 121 8.12 8.28 -1.05
N PRO B 122 8.38 8.43 -2.36
CA PRO B 122 7.56 9.34 -3.18
C PRO B 122 6.07 8.99 -3.17
N ALA B 123 5.20 9.98 -3.40
CA ALA B 123 3.74 9.74 -3.40
C ALA B 123 3.29 8.67 -4.40
N GLY B 124 4.09 8.45 -5.45
CA GLY B 124 3.84 7.42 -6.46
C GLY B 124 4.07 6.01 -5.95
N THR B 125 4.68 5.85 -4.75
CA THR B 125 4.93 4.54 -4.13
C THR B 125 3.65 4.00 -3.41
N SER B 126 2.59 4.83 -3.27
CA SER B 126 1.31 4.50 -2.62
C SER B 126 0.67 3.22 -3.14
N GLY B 127 0.37 2.28 -2.26
CA GLY B 127 -0.20 0.99 -2.62
C GLY B 127 0.79 -0.16 -2.55
N SER B 128 2.08 0.13 -2.25
CA SER B 128 3.10 -0.90 -2.12
C SER B 128 2.80 -1.77 -0.91
N PRO B 129 2.87 -3.09 -1.06
CA PRO B 129 2.52 -3.98 0.05
C PRO B 129 3.53 -4.12 1.17
N ILE B 130 3.02 -4.40 2.36
CA ILE B 130 3.82 -4.67 3.54
C ILE B 130 3.66 -6.18 3.82
N LEU B 131 4.78 -6.89 4.04
CA LEU B 131 4.81 -8.35 4.18
C LEU B 131 5.27 -8.85 5.52
N ASP B 132 4.80 -10.05 5.91
CA ASP B 132 5.31 -10.72 7.10
C ASP B 132 6.41 -11.76 6.69
N LYS B 133 7.05 -12.44 7.65
CA LYS B 133 8.13 -13.40 7.37
C LYS B 133 7.68 -14.57 6.46
N CYS B 134 6.35 -14.79 6.32
CA CYS B 134 5.77 -15.81 5.43
C CYS B 134 5.57 -15.33 3.98
N GLY B 135 5.69 -14.03 3.74
CA GLY B 135 5.44 -13.43 2.44
C GLY B 135 4.00 -12.99 2.24
N ARG B 136 3.17 -13.06 3.33
CA ARG B 136 1.76 -12.67 3.30
C ARG B 136 1.58 -11.15 3.34
N VAL B 137 0.58 -10.62 2.64
CA VAL B 137 0.36 -9.18 2.59
C VAL B 137 -0.43 -8.72 3.80
N ILE B 138 0.24 -8.06 4.75
CA ILE B 138 -0.40 -7.58 5.98
C ILE B 138 -0.99 -6.16 5.86
N GLY B 139 -0.89 -5.55 4.69
CA GLY B 139 -1.44 -4.23 4.47
C GLY B 139 -0.77 -3.47 3.37
N LEU B 140 -1.21 -2.24 3.13
CA LEU B 140 -0.62 -1.39 2.09
C LEU B 140 -0.10 -0.07 2.69
N TYR B 141 0.99 0.41 2.12
CA TYR B 141 1.69 1.64 2.48
C TYR B 141 1.17 2.78 1.60
N GLY B 142 0.97 3.96 2.16
CA GLY B 142 0.55 5.11 1.35
C GLY B 142 -0.39 6.09 2.02
N ASN B 143 -0.99 5.70 3.15
CA ASN B 143 -1.88 6.59 3.87
C ASN B 143 -1.42 6.75 5.31
N GLY B 144 -0.95 7.95 5.63
CA GLY B 144 -0.44 8.24 6.95
C GLY B 144 -0.37 9.71 7.27
N VAL B 145 0.68 10.10 7.99
CA VAL B 145 0.80 11.46 8.47
C VAL B 145 2.24 12.03 8.36
N VAL B 146 2.37 13.36 8.45
CA VAL B 146 3.66 14.03 8.40
C VAL B 146 4.01 14.49 9.81
N ILE B 147 5.12 13.99 10.34
CA ILE B 147 5.53 14.32 11.72
C ILE B 147 6.36 15.62 11.80
N LYS B 148 6.69 16.09 13.03
CA LYS B 148 7.50 17.31 13.25
C LYS B 148 8.81 17.32 12.45
N ASN B 149 9.38 16.14 12.19
CA ASN B 149 10.62 15.98 11.43
C ASN B 149 10.47 16.19 9.92
N GLY B 150 9.24 16.39 9.44
CA GLY B 150 8.96 16.54 8.02
C GLY B 150 8.76 15.21 7.31
N SER B 151 9.34 14.13 7.91
CA SER B 151 9.29 12.75 7.41
CA SER B 151 9.27 12.77 7.37
C SER B 151 7.85 12.19 7.35
N TYR B 152 7.67 11.07 6.63
CA TYR B 152 6.39 10.43 6.47
C TYR B 152 6.28 9.14 7.25
N VAL B 153 5.20 8.98 8.01
CA VAL B 153 4.92 7.75 8.72
C VAL B 153 3.58 7.26 8.21
N SER B 154 3.58 6.15 7.48
CA SER B 154 2.36 5.60 6.90
C SER B 154 1.74 4.53 7.81
N ALA B 155 0.42 4.33 7.70
CA ALA B 155 -0.24 3.27 8.44
C ALA B 155 -0.08 1.94 7.66
N ILE B 156 -0.27 0.81 8.36
CA ILE B 156 -0.31 -0.50 7.72
C ILE B 156 -1.83 -0.68 7.50
N THR B 157 -2.34 -0.27 6.30
CA THR B 157 -3.76 -0.32 5.96
C THR B 157 -4.21 -1.65 5.39
N GLN B 158 -5.04 -2.39 6.13
CA GLN B 158 -5.54 -3.68 5.68
C GLN B 158 -7.08 -3.63 5.57
N GLY B 159 -7.62 -4.38 4.63
CA GLY B 159 -9.06 -4.46 4.42
C GLY B 159 -9.66 -5.60 5.20
N LYS B 160 -10.88 -5.99 4.81
CA LYS B 160 -11.60 -7.08 5.46
C LYS B 160 -12.02 -8.12 4.41
N ARG B 161 -11.82 -9.41 4.70
CA ARG B 161 -12.21 -10.50 3.80
C ARG B 161 -13.51 -11.14 4.33
N GLU B 162 -14.60 -11.10 3.54
CA GLU B 162 -15.87 -11.70 3.98
C GLU B 162 -15.92 -13.21 3.65
S DMS C . -14.14 8.12 -11.64
O DMS C . -14.36 6.78 -11.03
C1 DMS C . -13.45 7.86 -13.31
C2 DMS C . -12.62 8.83 -10.95
N1 A1B9I D . 2.45 12.62 1.16
N3 A1B9I D . -6.83 10.31 1.64
C4 A1B9I D . 1.45 10.40 0.40
C5 A1B9I D . 0.02 10.88 0.24
C6 A1B9I D . -2.38 10.22 0.40
C7 A1B9I D . -2.84 11.17 -0.51
C8 A1B9I D . -4.20 11.41 -0.64
C10 A1B9I D . -4.62 9.85 1.14
C13 A1B9I D . -6.58 10.85 0.29
C15 A1B9I D . 3.11 8.69 0.11
C17 A1B9I D . 3.80 10.83 0.83
C1 A1B9I D . 4.16 14.26 1.93
C2 A1B9I D . 3.69 12.94 1.45
C3 A1B9I D . 2.48 11.29 0.75
O1 A1B9I D . -0.18 12.05 -0.10
N2 A1B9I D . -0.97 10.01 0.53
C9 A1B9I D . -5.08 10.77 0.22
C11 A1B9I D . -3.26 9.58 1.27
C12 A1B9I D . -5.80 9.29 1.89
C14 A1B9I D . 1.81 9.12 0.02
CL1 A1B9I D . 3.52 7.05 -0.33
C16 A1B9I D . 4.14 9.52 0.52
N4 A1B9I D . 4.56 11.89 1.27
#